data_6H3W
#
_entry.id   6H3W
#
_cell.length_a   73.227
_cell.length_b   73.227
_cell.length_c   280.713
_cell.angle_alpha   90.000
_cell.angle_beta   90.000
_cell.angle_gamma   120.000
#
_symmetry.space_group_name_H-M   'H 3 2'
#
loop_
_entity.id
_entity.type
_entity.pdbx_description
1 polymer 'Envelopment polyprotein'
2 branched alpha-D-mannopyranose-(1-3)-[alpha-D-mannopyranose-(1-6)]beta-D-mannopyranose-(1-4)-2-acetamido-2-deoxy-beta-D-glucopyranose-(1-4)-2-acetamido-2-deoxy-beta-D-glucopyranose
3 water water
#
_entity_poly.entity_id   1
_entity_poly.type   'polypeptide(L)'
_entity_poly.pdbx_seq_one_letter_code
;GGGDFTTCLETESINWNCTGPFLNLGNCQKQQKKEPYTNIATQLKGLKAISVLDVPIITGIPDDIAGALRYIEEKEDFHV
QLTIEYAMLSKYCDYYTQFSDNSGYSQTTWRVYLRSHDFEACILYPNQHFCRCVKNGEKCSSSNWDFANEMKDYYSGKQT
KFDKDLNLALTALHHAFRGTSSAYIATMLSKKSNDDLIAYTNKIKTKFPGNALLKAIIDYIAYMKSLPGMANFKYDEFWD
ELLYKPNPAK
;
_entity_poly.pdbx_strand_id   A
#
# COMPACT_ATOMS: atom_id res chain seq x y z
N GLY A 1 -14.30 6.37 -8.61
CA GLY A 1 -12.94 5.94 -8.29
C GLY A 1 -12.66 5.89 -6.80
N GLY A 2 -13.68 5.58 -6.02
CA GLY A 2 -13.53 5.43 -4.58
C GLY A 2 -14.73 4.70 -3.99
N GLY A 3 -14.58 4.31 -2.72
CA GLY A 3 -15.63 3.57 -2.03
C GLY A 3 -16.16 4.30 -0.82
N ASP A 4 -17.48 4.21 -0.60
CA ASP A 4 -18.09 4.76 0.59
C ASP A 4 -17.99 3.76 1.73
N PHE A 5 -17.85 4.28 2.95
CA PHE A 5 -17.58 3.42 4.10
C PHE A 5 -18.74 2.48 4.37
N THR A 6 -19.97 3.01 4.47
CA THR A 6 -21.12 2.15 4.76
C THR A 6 -21.36 1.16 3.62
N THR A 7 -21.29 1.64 2.38
CA THR A 7 -21.38 0.75 1.22
C THR A 7 -20.33 -0.36 1.30
N CYS A 8 -19.11 -0.01 1.74
CA CYS A 8 -18.08 -1.03 1.91
C CYS A 8 -18.45 -2.03 3.01
N LEU A 9 -19.07 -1.54 4.08
CA LEU A 9 -19.51 -2.46 5.12
C LEU A 9 -20.51 -3.46 4.58
N GLU A 10 -21.29 -3.07 3.56
CA GLU A 10 -22.28 -4.00 3.03
C GLU A 10 -21.64 -5.14 2.22
N THR A 11 -20.45 -4.93 1.67
CA THR A 11 -19.88 -5.90 0.75
C THR A 11 -19.22 -7.05 1.51
N GLU A 12 -19.16 -8.22 0.87
CA GLU A 12 -18.71 -9.41 1.59
C GLU A 12 -17.20 -9.60 1.55
N SER A 13 -16.53 -9.27 0.45
CA SER A 13 -15.11 -9.51 0.26
C SER A 13 -14.36 -8.24 -0.07
N ILE A 14 -13.13 -8.14 0.42
CA ILE A 14 -12.32 -6.95 0.19
C ILE A 14 -12.08 -6.78 -1.30
N ASN A 15 -12.17 -5.53 -1.74
CA ASN A 15 -11.96 -5.14 -3.12
C ASN A 15 -11.19 -3.83 -3.12
N TRP A 16 -10.77 -3.40 -4.32
CA TRP A 16 -9.85 -2.27 -4.41
C TRP A 16 -10.45 -0.99 -3.84
N ASN A 17 -11.74 -0.74 -4.10
CA ASN A 17 -12.33 0.51 -3.66
C ASN A 17 -12.67 0.51 -2.18
N CYS A 18 -12.39 -0.57 -1.47
CA CYS A 18 -12.56 -0.59 -0.03
C CYS A 18 -11.21 -0.71 0.68
N THR A 19 -10.14 -0.26 0.04
CA THR A 19 -8.85 -0.16 0.69
C THR A 19 -8.54 1.30 0.98
N GLY A 20 -7.66 1.50 1.96
CA GLY A 20 -7.33 2.79 2.52
C GLY A 20 -7.35 3.96 1.56
N PRO A 21 -6.41 4.00 0.60
CA PRO A 21 -6.29 5.19 -0.26
C PRO A 21 -7.53 5.46 -1.11
N PHE A 22 -8.38 4.47 -1.32
CA PHE A 22 -9.57 4.64 -2.15
C PHE A 22 -10.83 4.88 -1.34
N LEU A 23 -10.77 4.95 -0.01
CA LEU A 23 -11.95 5.29 0.77
C LEU A 23 -12.26 6.78 0.63
N ASN A 24 -13.50 7.09 0.25
CA ASN A 24 -13.93 8.49 0.13
C ASN A 24 -14.01 9.14 1.50
N LEU A 25 -13.21 10.17 1.70
CA LEU A 25 -13.29 11.01 2.88
C LEU A 25 -13.86 12.36 2.46
N GLY A 26 -13.87 13.32 3.38
CA GLY A 26 -14.28 14.67 3.04
C GLY A 26 -13.15 15.65 3.34
N ASN A 27 -13.49 16.78 3.96
CA ASN A 27 -12.50 17.60 4.64
C ASN A 27 -12.50 17.03 6.05
N CYS A 28 -11.40 16.96 6.81
CA CYS A 28 -10.02 17.49 6.66
C CYS A 28 -9.81 18.99 6.76
N GLN A 29 -9.98 19.47 7.98
CA GLN A 29 -9.52 20.77 8.46
C GLN A 29 -8.60 20.53 9.65
N LYS A 30 -8.08 21.62 10.20
CA LYS A 30 -7.19 21.52 11.36
C LYS A 30 -7.86 20.80 12.53
N GLN A 31 -9.14 21.11 12.79
CA GLN A 31 -9.81 20.62 13.99
C GLN A 31 -9.84 19.09 14.06
N GLN A 32 -10.19 18.44 12.95
CA GLN A 32 -10.46 17.00 12.98
C GLN A 32 -9.24 16.20 13.41
N LYS A 33 -8.04 16.69 13.09
CA LYS A 33 -6.82 16.02 13.53
C LYS A 33 -6.63 16.11 15.03
N LYS A 34 -7.16 17.16 15.67
CA LYS A 34 -7.16 17.24 17.13
C LYS A 34 -8.13 16.28 17.78
N GLU A 35 -9.15 15.81 17.06
CA GLU A 35 -10.24 15.04 17.66
C GLU A 35 -9.74 13.69 18.18
N PRO A 36 -10.04 13.35 19.44
CA PRO A 36 -9.67 12.01 19.93
C PRO A 36 -10.63 10.96 19.40
N TYR A 37 -10.23 9.70 19.60
CA TYR A 37 -10.98 8.60 18.99
C TYR A 37 -12.34 8.42 19.63
N THR A 38 -12.50 8.79 20.91
CA THR A 38 -13.81 8.76 21.52
C THR A 38 -14.80 9.62 20.75
N ASN A 39 -14.37 10.81 20.33
CA ASN A 39 -15.26 11.68 19.56
C ASN A 39 -15.58 11.08 18.20
N ILE A 40 -14.60 10.44 17.56
CA ILE A 40 -14.82 9.88 16.23
C ILE A 40 -15.74 8.66 16.31
N ALA A 41 -15.53 7.81 17.31
CA ALA A 41 -16.47 6.71 17.56
C ALA A 41 -17.86 7.23 17.83
N THR A 42 -17.98 8.32 18.61
CA THR A 42 -19.30 8.89 18.88
C THR A 42 -19.94 9.41 17.60
N GLN A 43 -19.14 10.02 16.71
CA GLN A 43 -19.66 10.47 15.43
C GLN A 43 -20.17 9.29 14.60
N LEU A 44 -19.34 8.27 14.42
CA LEU A 44 -19.74 7.10 13.64
C LEU A 44 -20.98 6.44 14.24
N LYS A 45 -21.06 6.41 15.57
CA LYS A 45 -22.22 5.81 16.24
C LYS A 45 -23.47 6.65 16.02
N GLY A 46 -23.33 7.97 16.08
CA GLY A 46 -24.48 8.84 15.89
C GLY A 46 -25.03 8.79 14.49
N LEU A 47 -24.16 8.54 13.50
CA LEU A 47 -24.63 8.33 12.14
C LEU A 47 -25.16 6.93 11.90
N LYS A 48 -25.06 6.05 12.90
CA LYS A 48 -25.44 4.65 12.78
C LYS A 48 -24.58 3.91 11.75
N ALA A 49 -23.34 4.35 11.59
CA ALA A 49 -22.37 3.56 10.82
C ALA A 49 -21.87 2.37 11.63
N ILE A 50 -21.82 2.52 12.96
CA ILE A 50 -21.41 1.46 13.87
C ILE A 50 -22.35 1.50 15.06
N SER A 51 -22.29 0.46 15.88
CA SER A 51 -23.10 0.36 17.08
C SER A 51 -22.22 0.50 18.32
N VAL A 52 -22.86 0.53 19.48
CA VAL A 52 -22.16 0.69 20.75
C VAL A 52 -21.11 -0.40 20.91
N LEU A 53 -21.42 -1.62 20.49
CA LEU A 53 -20.50 -2.75 20.63
C LEU A 53 -19.19 -2.50 19.90
N ASP A 54 -19.18 -1.62 18.90
CA ASP A 54 -18.00 -1.34 18.12
C ASP A 54 -17.22 -0.15 18.62
N VAL A 55 -17.72 0.57 19.62
CA VAL A 55 -17.05 1.77 20.11
C VAL A 55 -15.71 1.42 20.77
N PRO A 56 -15.62 0.39 21.62
CA PRO A 56 -14.31 0.12 22.25
C PRO A 56 -13.18 -0.12 21.26
N ILE A 57 -13.40 -0.91 20.20
CA ILE A 57 -12.31 -1.18 19.27
C ILE A 57 -11.76 0.11 18.67
N ILE A 58 -12.61 1.13 18.54
CA ILE A 58 -12.13 2.42 18.03
C ILE A 58 -11.40 3.18 19.12
N THR A 59 -11.93 3.18 20.34
CA THR A 59 -11.29 3.94 21.41
C THR A 59 -9.97 3.34 21.84
N GLY A 60 -9.72 2.08 21.50
CA GLY A 60 -8.46 1.45 21.76
C GLY A 60 -7.39 1.65 20.72
N ILE A 61 -7.61 2.52 19.73
CA ILE A 61 -6.55 2.85 18.77
C ILE A 61 -5.49 3.64 19.51
N PRO A 62 -4.24 3.16 19.56
CA PRO A 62 -3.18 3.92 20.22
C PRO A 62 -2.98 5.27 19.55
N ASP A 63 -2.48 6.23 20.34
CA ASP A 63 -2.45 7.61 19.86
C ASP A 63 -1.38 7.84 18.80
N ASP A 64 -0.31 7.05 18.79
CA ASP A 64 0.73 7.22 17.79
C ASP A 64 0.43 6.41 16.54
N ILE A 65 0.85 6.96 15.40
CA ILE A 65 0.49 6.40 14.11
C ILE A 65 1.05 5.00 13.94
N ALA A 66 2.33 4.80 14.32
CA ALA A 66 2.94 3.49 14.14
C ALA A 66 2.16 2.42 14.89
N GLY A 67 1.76 2.72 16.12
CA GLY A 67 0.95 1.80 16.88
C GLY A 67 -0.43 1.62 16.26
N ALA A 68 -1.01 2.69 15.71
CA ALA A 68 -2.32 2.55 15.10
C ALA A 68 -2.29 1.61 13.90
N LEU A 69 -1.22 1.71 13.09
CA LEU A 69 -1.10 0.83 11.94
C LEU A 69 -0.87 -0.62 12.37
N ARG A 70 -0.05 -0.84 13.40
CA ARG A 70 0.09 -2.21 13.92
C ARG A 70 -1.24 -2.75 14.43
N TYR A 71 -1.99 -1.91 15.14
CA TYR A 71 -3.31 -2.29 15.64
C TYR A 71 -4.27 -2.67 14.51
N ILE A 72 -4.33 -1.83 13.47
CA ILE A 72 -5.17 -2.10 12.31
C ILE A 72 -4.78 -3.44 11.67
N GLU A 73 -3.48 -3.63 11.39
CA GLU A 73 -3.11 -4.83 10.65
C GLU A 73 -3.19 -6.10 11.51
N GLU A 74 -3.30 -5.96 12.83
CA GLU A 74 -3.51 -7.14 13.68
C GLU A 74 -4.87 -7.77 13.45
N LYS A 75 -5.85 -6.99 12.98
CA LYS A 75 -7.21 -7.50 12.81
C LYS A 75 -7.26 -8.55 11.70
N GLU A 76 -8.08 -9.58 11.94
CA GLU A 76 -8.16 -10.75 11.08
C GLU A 76 -9.44 -10.78 10.27
N ASP A 77 -10.22 -9.70 10.28
CA ASP A 77 -11.54 -9.69 9.70
C ASP A 77 -11.73 -8.42 8.89
N PHE A 78 -12.28 -8.55 7.69
CA PHE A 78 -12.31 -7.44 6.74
C PHE A 78 -13.07 -6.23 7.31
N HIS A 79 -14.28 -6.45 7.82
CA HIS A 79 -15.08 -5.30 8.24
C HIS A 79 -14.49 -4.63 9.48
N VAL A 80 -13.97 -5.41 10.43
CA VAL A 80 -13.34 -4.81 11.60
C VAL A 80 -12.15 -3.95 11.17
N GLN A 81 -11.24 -4.54 10.36
CA GLN A 81 -10.05 -3.82 9.96
C GLN A 81 -10.42 -2.54 9.22
N LEU A 82 -11.42 -2.63 8.34
CA LEU A 82 -11.89 -1.46 7.60
C LEU A 82 -12.40 -0.38 8.53
N THR A 83 -13.20 -0.78 9.54
CA THR A 83 -13.75 0.21 10.45
C THR A 83 -12.64 0.94 11.21
N ILE A 84 -11.63 0.20 11.65
CA ILE A 84 -10.53 0.81 12.39
C ILE A 84 -9.76 1.78 11.49
N GLU A 85 -9.44 1.33 10.28
CA GLU A 85 -8.72 2.17 9.33
C GLU A 85 -9.51 3.43 9.04
N TYR A 86 -10.84 3.30 8.90
CA TYR A 86 -11.66 4.48 8.62
C TYR A 86 -11.65 5.46 9.80
N ALA A 87 -11.72 4.96 11.04
CA ALA A 87 -11.57 5.86 12.19
C ALA A 87 -10.25 6.60 12.15
N MET A 88 -9.16 5.88 11.87
CA MET A 88 -7.85 6.53 11.83
C MET A 88 -7.78 7.57 10.72
N LEU A 89 -8.27 7.24 9.53
CA LEU A 89 -8.33 8.23 8.44
C LEU A 89 -9.30 9.36 8.77
N SER A 90 -10.20 9.15 9.72
CA SER A 90 -11.05 10.26 10.14
C SER A 90 -10.28 11.22 11.03
N LYS A 91 -9.25 10.73 11.72
CA LYS A 91 -8.40 11.63 12.50
C LYS A 91 -7.30 12.26 11.63
N TYR A 92 -6.48 11.42 11.00
CA TYR A 92 -5.45 11.89 10.08
C TYR A 92 -6.00 11.87 8.66
N CYS A 93 -6.87 12.85 8.38
CA CYS A 93 -7.64 12.81 7.14
C CYS A 93 -6.80 13.05 5.90
N ASP A 94 -5.55 13.52 6.03
CA ASP A 94 -4.65 13.70 4.90
C ASP A 94 -3.65 12.56 4.79
N TYR A 95 -3.82 11.47 5.54
CA TYR A 95 -2.83 10.41 5.56
C TYR A 95 -2.53 9.91 4.16
N TYR A 96 -3.58 9.65 3.36
CA TYR A 96 -3.35 9.17 1.99
C TYR A 96 -3.34 10.25 0.93
N THR A 97 -3.97 11.42 1.17
CA THR A 97 -3.77 12.48 0.18
C THR A 97 -2.33 13.00 0.18
N GLN A 98 -1.59 12.81 1.28
CA GLN A 98 -0.16 13.14 1.32
C GLN A 98 0.63 12.43 0.21
N PHE A 99 0.10 11.32 -0.33
CA PHE A 99 0.78 10.55 -1.36
C PHE A 99 0.61 11.17 -2.74
N SER A 100 -0.15 12.27 -2.86
CA SER A 100 -0.33 12.91 -4.15
C SER A 100 0.95 13.54 -4.69
N ASP A 101 1.91 13.88 -3.82
CA ASP A 101 3.14 14.51 -4.30
C ASP A 101 4.37 13.75 -3.81
N ASN A 102 5.50 14.45 -3.69
CA ASN A 102 6.77 13.80 -3.44
C ASN A 102 7.26 13.92 -2.00
N SER A 103 6.37 14.19 -1.04
CA SER A 103 6.78 14.24 0.36
C SER A 103 5.56 14.06 1.27
N GLY A 104 5.84 13.96 2.56
CA GLY A 104 4.79 14.06 3.57
C GLY A 104 5.00 13.06 4.67
N TYR A 105 4.43 13.36 5.85
CA TYR A 105 4.73 12.59 7.06
C TYR A 105 4.43 11.11 6.87
N SER A 106 3.36 10.78 6.16
CA SER A 106 2.96 9.39 6.00
C SER A 106 3.75 8.65 4.92
N GLN A 107 4.54 9.36 4.11
CA GLN A 107 5.36 8.71 3.09
C GLN A 107 6.76 8.30 3.57
N THR A 108 7.23 8.87 4.68
CA THR A 108 8.64 8.69 5.07
C THR A 108 9.01 7.21 5.17
N THR A 109 8.22 6.43 5.90
CA THR A 109 8.58 5.03 6.12
C THR A 109 8.87 4.31 4.80
N TRP A 110 7.95 4.40 3.82
CA TRP A 110 8.17 3.54 2.67
C TRP A 110 9.32 4.08 1.83
N ARG A 111 9.49 5.40 1.80
CA ARG A 111 10.60 5.95 1.03
C ARG A 111 11.93 5.59 1.69
N VAL A 112 11.97 5.67 3.02
CA VAL A 112 13.19 5.31 3.73
C VAL A 112 13.53 3.87 3.43
N TYR A 113 12.52 3.01 3.36
CA TYR A 113 12.82 1.60 3.16
C TYR A 113 13.39 1.41 1.78
N LEU A 114 12.74 1.99 0.78
CA LEU A 114 13.08 1.68 -0.60
C LEU A 114 14.47 2.18 -0.94
N ARG A 115 14.84 3.32 -0.38
CA ARG A 115 16.11 3.94 -0.72
C ARG A 115 17.25 3.48 0.18
N SER A 116 16.96 2.85 1.32
CA SER A 116 18.05 2.44 2.19
C SER A 116 18.60 1.07 1.79
N HIS A 117 17.73 0.23 1.26
CA HIS A 117 18.10 -1.09 0.79
C HIS A 117 18.52 -0.98 -0.69
N ASP A 118 18.88 -2.10 -1.30
CA ASP A 118 19.34 -2.08 -2.68
C ASP A 118 18.71 -3.24 -3.43
N PHE A 119 18.34 -3.00 -4.69
CA PHE A 119 18.01 -4.07 -5.62
C PHE A 119 19.28 -4.75 -6.10
N GLU A 120 19.21 -6.09 -6.24
CA GLU A 120 20.33 -6.84 -6.82
C GLU A 120 20.67 -6.34 -8.21
N ALA A 121 19.66 -6.13 -9.06
CA ALA A 121 19.94 -5.66 -10.42
C ALA A 121 20.55 -4.26 -10.44
N CYS A 122 20.21 -3.39 -9.47
CA CYS A 122 20.73 -2.04 -9.50
C CYS A 122 22.18 -1.98 -9.06
N ILE A 123 22.59 -2.89 -8.17
CA ILE A 123 23.99 -2.98 -7.78
C ILE A 123 24.89 -3.27 -8.97
N LEU A 124 24.39 -4.09 -9.92
CA LEU A 124 25.20 -4.42 -11.10
C LEU A 124 24.99 -3.46 -12.26
N TYR A 125 23.82 -2.84 -12.36
CA TYR A 125 23.49 -1.92 -13.47
C TYR A 125 22.99 -0.58 -12.91
N PRO A 126 23.83 0.15 -12.17
CA PRO A 126 23.36 1.39 -11.53
C PRO A 126 22.98 2.50 -12.51
N ASN A 127 23.35 2.40 -13.79
CA ASN A 127 23.00 3.43 -14.75
C ASN A 127 21.59 3.26 -15.32
N GLN A 128 20.90 2.17 -15.00
CA GLN A 128 19.51 2.02 -15.40
C GLN A 128 18.67 3.14 -14.79
N HIS A 129 17.71 3.64 -15.58
CA HIS A 129 16.94 4.79 -15.15
C HIS A 129 16.10 4.47 -13.92
N PHE A 130 15.61 3.24 -13.81
CA PHE A 130 14.88 2.87 -12.59
C PHE A 130 15.79 3.04 -11.37
N CYS A 131 17.02 2.52 -11.45
CA CYS A 131 17.96 2.62 -10.34
C CYS A 131 18.34 4.09 -10.05
N ARG A 132 18.61 4.86 -11.10
CA ARG A 132 18.88 6.28 -10.90
C ARG A 132 17.70 7.01 -10.27
N CYS A 133 16.46 6.57 -10.56
CA CYS A 133 15.30 7.22 -9.95
C CYS A 133 15.19 6.86 -8.48
N VAL A 134 15.36 5.58 -8.15
CA VAL A 134 15.30 5.16 -6.75
C VAL A 134 16.42 5.79 -5.92
N LYS A 135 17.64 5.86 -6.46
CA LYS A 135 18.82 6.26 -5.68
C LYS A 135 19.07 7.75 -5.69
N ASN A 136 18.89 8.40 -6.83
CA ASN A 136 19.27 9.79 -7.00
C ASN A 136 18.08 10.69 -7.31
N GLY A 137 16.88 10.16 -7.33
CA GLY A 137 15.74 10.96 -7.77
C GLY A 137 15.95 11.51 -9.17
N GLU A 138 16.54 10.71 -10.04
CA GLU A 138 16.97 11.16 -11.35
C GLU A 138 16.37 10.25 -12.41
N LYS A 139 15.98 10.82 -13.55
CA LYS A 139 15.43 10.05 -14.67
C LYS A 139 14.12 9.36 -14.32
N CYS A 140 13.37 9.90 -13.35
CA CYS A 140 12.16 9.19 -12.97
C CYS A 140 11.14 9.14 -14.11
N SER A 141 11.15 10.12 -15.02
CA SER A 141 10.16 10.11 -16.10
C SER A 141 10.42 9.00 -17.11
N SER A 142 11.62 8.43 -17.14
CA SER A 142 11.91 7.29 -18.01
C SER A 142 12.35 6.07 -17.20
N SER A 143 11.84 5.94 -15.97
CA SER A 143 12.26 4.87 -15.08
C SER A 143 11.92 3.50 -15.64
N ASN A 144 10.85 3.41 -16.44
CA ASN A 144 10.37 2.13 -16.94
C ASN A 144 11.02 1.75 -18.27
N TRP A 145 12.17 2.32 -18.57
CA TRP A 145 12.97 1.96 -19.73
C TRP A 145 14.07 1.02 -19.28
N ASP A 146 13.99 -0.24 -19.70
CA ASP A 146 15.07 -1.20 -19.46
C ASP A 146 16.09 -1.10 -20.58
N PHE A 147 17.12 -0.28 -20.36
CA PHE A 147 18.13 -0.05 -21.38
C PHE A 147 18.81 -1.35 -21.81
N ALA A 148 18.86 -1.57 -23.12
CA ALA A 148 19.52 -2.73 -23.74
C ALA A 148 19.05 -4.07 -23.14
N ASN A 149 17.88 -4.09 -22.51
CA ASN A 149 17.29 -5.27 -21.88
C ASN A 149 18.15 -5.81 -20.74
N GLU A 150 19.08 -4.98 -20.24
CA GLU A 150 20.00 -5.42 -19.20
C GLU A 150 19.27 -6.04 -18.01
N MET A 151 18.22 -5.39 -17.52
CA MET A 151 17.48 -5.92 -16.37
C MET A 151 16.87 -7.26 -16.72
N LYS A 152 16.12 -7.30 -17.83
CA LYS A 152 15.46 -8.55 -18.23
C LYS A 152 16.47 -9.68 -18.37
N ASP A 153 17.51 -9.46 -19.18
CA ASP A 153 18.55 -10.47 -19.32
C ASP A 153 19.14 -10.81 -17.96
N TYR A 154 19.35 -9.82 -17.10
CA TYR A 154 19.93 -10.10 -15.79
C TYR A 154 19.10 -11.11 -15.02
N TYR A 155 17.77 -10.96 -15.04
CA TYR A 155 16.98 -11.86 -14.22
C TYR A 155 16.80 -13.23 -14.87
N SER A 156 17.15 -13.37 -16.17
CA SER A 156 16.75 -14.53 -16.99
C SER A 156 16.95 -15.86 -16.29
N GLY A 157 18.16 -16.13 -15.82
CA GLY A 157 18.40 -17.45 -15.25
C GLY A 157 18.57 -17.34 -13.74
N LYS A 158 17.96 -16.33 -13.13
CA LYS A 158 18.21 -15.99 -11.72
C LYS A 158 16.88 -15.90 -10.95
N GLN A 159 16.23 -17.04 -10.75
CA GLN A 159 14.96 -17.03 -10.01
C GLN A 159 15.11 -16.38 -8.63
N THR A 160 16.18 -16.70 -7.90
CA THR A 160 16.35 -16.20 -6.55
C THR A 160 16.48 -14.68 -6.53
N LYS A 161 17.24 -14.13 -7.47
CA LYS A 161 17.41 -12.69 -7.56
C LYS A 161 16.12 -12.00 -7.98
N PHE A 162 15.40 -12.57 -8.95
CA PHE A 162 14.08 -12.03 -9.29
C PHE A 162 13.19 -11.96 -8.05
N ASP A 163 13.21 -13.03 -7.25
CA ASP A 163 12.36 -13.09 -6.06
C ASP A 163 12.76 -12.02 -5.05
N LYS A 164 14.07 -11.85 -4.81
CA LYS A 164 14.53 -10.83 -3.86
C LYS A 164 14.12 -9.43 -4.29
N ASP A 165 14.33 -9.10 -5.57
CA ASP A 165 14.07 -7.73 -6.00
C ASP A 165 12.58 -7.41 -6.09
N LEU A 166 11.77 -8.36 -6.59
CA LEU A 166 10.33 -8.09 -6.62
C LEU A 166 9.77 -8.03 -5.20
N ASN A 167 10.26 -8.89 -4.30
CA ASN A 167 9.82 -8.77 -2.91
C ASN A 167 10.24 -7.44 -2.27
N LEU A 168 11.38 -6.87 -2.65
CA LEU A 168 11.75 -5.58 -2.08
C LEU A 168 10.78 -4.49 -2.54
N ALA A 169 10.42 -4.52 -3.84
CA ALA A 169 9.41 -3.57 -4.33
C ALA A 169 8.08 -3.74 -3.58
N LEU A 170 7.63 -4.99 -3.41
CA LEU A 170 6.34 -5.21 -2.77
C LEU A 170 6.38 -4.88 -1.28
N THR A 171 7.53 -5.09 -0.63
CA THR A 171 7.66 -4.72 0.76
C THR A 171 7.60 -3.20 0.93
N ALA A 172 8.21 -2.45 -0.01
CA ALA A 172 8.07 -1.00 0.00
C ALA A 172 6.61 -0.59 -0.14
N LEU A 173 5.89 -1.25 -1.05
CA LEU A 173 4.47 -0.94 -1.23
C LEU A 173 3.67 -1.27 0.04
N HIS A 174 3.99 -2.40 0.68
CA HIS A 174 3.40 -2.72 1.97
C HIS A 174 3.59 -1.59 2.98
N HIS A 175 4.82 -1.03 3.03
CA HIS A 175 5.08 0.07 3.96
C HIS A 175 4.35 1.34 3.55
N ALA A 176 4.07 1.52 2.26
CA ALA A 176 3.29 2.66 1.82
C ALA A 176 1.82 2.52 2.23
N PHE A 177 1.22 1.37 1.96
CA PHE A 177 -0.21 1.15 2.13
C PHE A 177 -0.43 -0.02 3.10
N ARG A 178 -0.28 0.26 4.39
CA ARG A 178 -0.55 -0.72 5.44
C ARG A 178 -2.06 -0.95 5.57
N GLY A 179 -2.44 -2.00 6.29
CA GLY A 179 -3.84 -2.23 6.62
C GLY A 179 -4.58 -2.94 5.49
N THR A 180 -5.77 -2.41 5.14
CA THR A 180 -6.63 -3.06 4.16
C THR A 180 -5.95 -3.20 2.81
N SER A 181 -5.19 -2.19 2.38
CA SER A 181 -4.48 -2.32 1.11
C SER A 181 -3.56 -3.54 1.12
N SER A 182 -2.89 -3.76 2.25
CA SER A 182 -1.96 -4.89 2.34
C SER A 182 -2.71 -6.21 2.48
N ALA A 183 -3.87 -6.22 3.14
CA ALA A 183 -4.66 -7.44 3.18
C ALA A 183 -5.14 -7.80 1.78
N TYR A 184 -5.50 -6.79 0.97
CA TYR A 184 -5.92 -7.04 -0.40
C TYR A 184 -4.77 -7.59 -1.24
N ILE A 185 -3.60 -6.93 -1.18
CA ILE A 185 -2.42 -7.44 -1.89
C ILE A 185 -2.07 -8.86 -1.43
N ALA A 186 -2.12 -9.12 -0.12
CA ALA A 186 -1.86 -10.47 0.39
C ALA A 186 -2.83 -11.47 -0.21
N THR A 187 -4.10 -11.11 -0.28
CA THR A 187 -5.11 -12.00 -0.85
C THR A 187 -4.80 -12.35 -2.29
N MET A 188 -4.50 -11.36 -3.12
CA MET A 188 -4.19 -11.64 -4.51
C MET A 188 -2.92 -12.48 -4.65
N LEU A 189 -1.90 -12.17 -3.84
CA LEU A 189 -0.65 -12.91 -3.90
C LEU A 189 -0.84 -14.38 -3.58
N SER A 190 -1.62 -14.68 -2.53
CA SER A 190 -1.82 -16.04 -2.10
C SER A 190 -2.56 -16.88 -3.15
N LYS A 191 -3.30 -16.23 -4.04
CA LYS A 191 -4.00 -16.91 -5.11
C LYS A 191 -3.30 -16.75 -6.46
N LYS A 192 -2.11 -16.14 -6.47
CA LYS A 192 -1.37 -15.92 -7.71
C LYS A 192 -2.22 -15.15 -8.72
N SER A 193 -3.00 -14.19 -8.24
CA SER A 193 -3.88 -13.40 -9.10
C SER A 193 -3.10 -12.22 -9.65
N ASN A 194 -2.09 -12.55 -10.48
CA ASN A 194 -1.10 -11.55 -10.88
C ASN A 194 -1.72 -10.42 -11.69
N ASP A 195 -2.72 -10.72 -12.50
CA ASP A 195 -3.36 -9.68 -13.30
C ASP A 195 -4.17 -8.72 -12.43
N ASP A 196 -4.85 -9.25 -11.42
CA ASP A 196 -5.57 -8.40 -10.47
C ASP A 196 -4.61 -7.56 -9.64
N LEU A 197 -3.48 -8.13 -9.24
CA LEU A 197 -2.47 -7.40 -8.50
C LEU A 197 -1.98 -6.20 -9.31
N ILE A 198 -1.66 -6.43 -10.58
CA ILE A 198 -1.21 -5.31 -11.42
C ILE A 198 -2.35 -4.31 -11.64
N ALA A 199 -3.59 -4.79 -11.78
CA ALA A 199 -4.71 -3.86 -11.91
C ALA A 199 -4.80 -2.94 -10.70
N TYR A 200 -4.60 -3.49 -9.50
CA TYR A 200 -4.68 -2.66 -8.30
C TYR A 200 -3.53 -1.68 -8.22
N THR A 201 -2.29 -2.15 -8.42
CA THR A 201 -1.17 -1.20 -8.34
C THR A 201 -1.29 -0.11 -9.41
N ASN A 202 -1.80 -0.46 -10.60
CA ASN A 202 -2.01 0.55 -11.63
C ASN A 202 -3.07 1.56 -11.22
N LYS A 203 -4.10 1.11 -10.49
CA LYS A 203 -5.04 2.08 -9.90
C LYS A 203 -4.37 3.01 -8.91
N ILE A 204 -3.42 2.49 -8.13
CA ILE A 204 -2.72 3.36 -7.19
C ILE A 204 -1.93 4.42 -7.96
N LYS A 205 -1.26 3.99 -9.03
CA LYS A 205 -0.44 4.93 -9.81
C LYS A 205 -1.31 5.99 -10.47
N THR A 206 -2.50 5.58 -10.93
CA THR A 206 -3.47 6.53 -11.48
C THR A 206 -4.04 7.45 -10.41
N LYS A 207 -4.16 6.98 -9.17
CA LYS A 207 -4.66 7.84 -8.10
C LYS A 207 -3.67 8.94 -7.73
N PHE A 208 -2.37 8.64 -7.76
CA PHE A 208 -1.30 9.54 -7.31
C PHE A 208 -0.30 9.85 -8.42
N PRO A 209 -0.71 10.51 -9.51
CA PRO A 209 0.22 10.69 -10.63
C PRO A 209 1.35 11.68 -10.33
N GLY A 210 1.21 12.52 -9.30
CA GLY A 210 2.26 13.45 -8.94
C GLY A 210 3.37 12.86 -8.08
N ASN A 211 3.36 11.56 -7.80
CA ASN A 211 4.29 10.94 -6.86
C ASN A 211 5.28 10.14 -7.72
N ALA A 212 6.45 10.73 -7.96
CA ALA A 212 7.33 10.20 -9.00
C ALA A 212 7.94 8.85 -8.59
N LEU A 213 8.44 8.73 -7.36
CA LEU A 213 9.05 7.48 -6.92
C LEU A 213 8.00 6.36 -6.86
N LEU A 214 6.78 6.70 -6.46
CA LEU A 214 5.72 5.71 -6.40
C LEU A 214 5.35 5.22 -7.80
N LYS A 215 5.27 6.14 -8.76
CA LYS A 215 5.06 5.74 -10.14
C LYS A 215 6.16 4.77 -10.60
N ALA A 216 7.42 5.06 -10.26
CA ALA A 216 8.52 4.22 -10.70
C ALA A 216 8.43 2.82 -10.10
N ILE A 217 8.09 2.72 -8.81
CA ILE A 217 8.06 1.39 -8.21
C ILE A 217 6.88 0.61 -8.75
N ILE A 218 5.78 1.29 -9.08
CA ILE A 218 4.62 0.59 -9.61
C ILE A 218 4.87 0.09 -11.03
N ASP A 219 5.45 0.94 -11.87
CA ASP A 219 5.85 0.48 -13.20
C ASP A 219 6.82 -0.70 -13.10
N TYR A 220 7.76 -0.65 -12.15
CA TYR A 220 8.72 -1.73 -12.01
C TYR A 220 8.02 -3.03 -11.62
N ILE A 221 7.04 -2.96 -10.73
CA ILE A 221 6.32 -4.16 -10.35
C ILE A 221 5.60 -4.76 -11.56
N ALA A 222 5.02 -3.91 -12.42
CA ALA A 222 4.36 -4.44 -13.60
C ALA A 222 5.36 -5.06 -14.58
N TYR A 223 6.57 -4.47 -14.65
CA TYR A 223 7.61 -5.01 -15.53
C TYR A 223 8.03 -6.41 -15.06
N MET A 224 8.41 -6.52 -13.78
CA MET A 224 8.75 -7.83 -13.22
C MET A 224 7.63 -8.84 -13.45
N LYS A 225 6.38 -8.42 -13.27
CA LYS A 225 5.27 -9.34 -13.51
C LYS A 225 5.24 -9.82 -14.94
N SER A 226 5.74 -9.03 -15.89
CA SER A 226 5.79 -9.50 -17.28
C SER A 226 6.93 -10.49 -17.57
N LEU A 227 7.86 -10.73 -16.63
CA LEU A 227 9.05 -11.50 -16.94
C LEU A 227 8.85 -12.98 -16.65
N PRO A 228 9.64 -13.86 -17.29
CA PRO A 228 9.50 -15.30 -17.01
C PRO A 228 9.68 -15.67 -15.54
N GLY A 229 10.36 -14.85 -14.74
CA GLY A 229 10.53 -15.18 -13.34
C GLY A 229 9.25 -15.16 -12.52
N MET A 230 8.20 -14.50 -13.03
CA MET A 230 6.96 -14.36 -12.27
C MET A 230 6.25 -15.69 -12.06
N ALA A 231 6.33 -16.60 -13.05
CA ALA A 231 5.57 -17.85 -12.98
C ALA A 231 5.93 -18.66 -11.74
N ASN A 232 7.19 -18.62 -11.31
CA ASN A 232 7.64 -19.34 -10.12
C ASN A 232 7.94 -18.41 -8.95
N PHE A 233 7.41 -17.19 -8.98
CA PHE A 233 7.70 -16.19 -7.96
C PHE A 233 7.21 -16.66 -6.59
N LYS A 234 8.03 -16.43 -5.58
CA LYS A 234 7.75 -16.81 -4.19
C LYS A 234 7.72 -15.53 -3.36
N TYR A 235 6.53 -15.11 -2.95
CA TYR A 235 6.42 -13.87 -2.16
C TYR A 235 6.88 -14.12 -0.73
N ASP A 236 7.39 -13.05 -0.10
CA ASP A 236 7.82 -13.11 1.30
C ASP A 236 6.66 -13.57 2.19
N GLU A 237 6.99 -14.36 3.21
CA GLU A 237 5.93 -15.05 3.94
C GLU A 237 5.15 -14.16 4.90
N PHE A 238 5.66 -12.97 5.25
CA PHE A 238 4.90 -12.08 6.12
C PHE A 238 3.51 -11.78 5.54
N TRP A 239 3.40 -11.76 4.20
CA TRP A 239 2.10 -11.51 3.56
C TRP A 239 1.02 -12.48 4.04
N ASP A 240 1.38 -13.76 4.24
CA ASP A 240 0.38 -14.73 4.67
C ASP A 240 -0.22 -14.38 6.02
N GLU A 241 0.52 -13.65 6.85
CA GLU A 241 0.00 -13.22 8.14
C GLU A 241 -1.04 -12.11 8.01
N LEU A 242 -1.03 -11.38 6.90
CA LEU A 242 -1.95 -10.28 6.70
C LEU A 242 -3.28 -10.73 6.09
N LEU A 243 -3.40 -12.01 5.74
CA LEU A 243 -4.66 -12.53 5.23
C LEU A 243 -5.73 -12.49 6.31
N TYR A 244 -6.97 -12.34 5.88
CA TYR A 244 -8.11 -12.43 6.79
C TYR A 244 -8.44 -13.88 7.12
N LYS A 245 -9.03 -14.07 8.30
CA LYS A 245 -9.49 -15.39 8.70
C LYS A 245 -10.61 -15.87 7.77
N PRO A 246 -10.62 -17.15 7.40
CA PRO A 246 -11.72 -17.81 6.69
C PRO A 246 -13.08 -17.58 7.37
#